data_7WKI
#
_entry.id   7WKI
#
_cell.length_a   75.960
_cell.length_b   75.960
_cell.length_c   143.200
_cell.angle_alpha   90.000
_cell.angle_beta   90.000
_cell.angle_gamma   120.000
#
_symmetry.space_group_name_H-M   'P 32 2 1'
#
loop_
_entity.id
_entity.type
_entity.pdbx_description
1 polymer 'Complement factor H'
2 polymer 'Anti-CFH nanobody (VHH)'
3 water water
#
loop_
_entity_poly.entity_id
_entity_poly.type
_entity_poly.pdbx_seq_one_letter_code
_entity_poly.pdbx_strand_id
1 'polypeptide(L)'
;TSCVNPPTVQNAYIVSRQMSKYPSGERVRYQCRSPYEMFGDEEVMCLNGNWTEPPQCKDSTGKCGPPPPIDNGDITSFPL
SVYAPASSVEYQCQNLYQLEGNKRITCRNGQWSEPPKCLHPCVISREIMENYNIALRWTAKQKLYSRTGESVEFVCKRGY
RLSSRSHTLRTTCWDGKLEYPTCAKRHHHHHH
;
A
2 'polypeptide(L)'
;QVQLVESGGGLVQAGGSLRLSCAASGLTVDDYAIGWFRQAPGKEREGVSCISSSNGSTYYADSVKGRFTISSDNAKNTAY
LQMNSLKPEDTAVYYCAAAVSPNLECGTGPFGIYASYYGMDYWGQGTQVTVSSAAGHHHHHH
;
B
#
# COMPACT_ATOMS: atom_id res chain seq x y z
N SER A 60 -17.91 36.60 38.12
CA SER A 60 -18.22 38.00 38.49
C SER A 60 -17.01 38.96 38.29
N THR A 61 -15.90 38.49 37.70
CA THR A 61 -14.58 39.23 37.51
C THR A 61 -13.87 38.83 36.18
N GLY A 62 -14.52 38.05 35.28
CA GLY A 62 -14.02 37.63 33.95
C GLY A 62 -13.19 36.34 33.95
N LYS A 63 -12.92 35.75 35.12
CA LYS A 63 -12.08 34.53 35.26
C LYS A 63 -12.83 33.37 34.61
N CYS A 64 -12.11 32.31 34.24
CA CYS A 64 -12.61 31.10 33.50
C CYS A 64 -12.23 29.79 34.20
N GLY A 65 -13.02 28.74 34.01
CA GLY A 65 -12.68 27.36 34.37
C GLY A 65 -11.63 26.80 33.43
N PRO A 66 -11.21 25.53 33.60
CA PRO A 66 -10.33 24.89 32.64
C PRO A 66 -10.90 25.02 31.24
N PRO A 67 -10.03 25.02 30.21
CA PRO A 67 -10.47 25.02 28.83
C PRO A 67 -11.14 23.68 28.53
N PRO A 68 -12.00 23.62 27.50
CA PRO A 68 -12.70 22.39 27.20
C PRO A 68 -11.77 21.37 26.55
N PRO A 69 -11.94 20.07 26.86
CA PRO A 69 -11.25 19.01 26.14
C PRO A 69 -11.68 18.95 24.65
N ILE A 70 -10.79 18.45 23.79
CA ILE A 70 -11.15 18.10 22.38
C ILE A 70 -10.67 16.68 22.10
N ASP A 71 -11.43 15.93 21.31
CA ASP A 71 -11.00 14.61 20.79
C ASP A 71 -9.65 14.78 20.07
N ASN A 72 -8.70 13.94 20.43
CA ASN A 72 -7.52 13.66 19.59
C ASN A 72 -6.59 14.87 19.64
N GLY A 73 -6.74 15.73 20.63
CA GLY A 73 -5.79 16.83 20.87
C GLY A 73 -5.73 17.26 22.32
N ASP A 74 -4.78 18.13 22.66
CA ASP A 74 -4.59 18.61 24.04
C ASP A 74 -4.06 20.04 23.99
N ILE A 75 -4.11 20.76 25.12
CA ILE A 75 -3.49 22.11 25.23
C ILE A 75 -1.97 21.97 25.37
N THR A 76 -1.21 22.96 24.94
CA THR A 76 0.28 22.93 24.90
C THR A 76 0.90 23.33 26.24
N SER A 77 0.09 23.80 27.19
CA SER A 77 0.57 24.45 28.44
C SER A 77 0.20 23.59 29.62
N PHE A 78 0.77 23.90 30.77
CA PHE A 78 0.38 23.28 32.05
C PHE A 78 -1.10 23.57 32.33
N PRO A 79 -1.94 22.54 32.54
CA PRO A 79 -3.35 22.72 32.93
C PRO A 79 -3.57 23.38 34.30
N LEU A 80 -4.23 24.52 34.31
CA LEU A 80 -4.52 25.29 35.54
C LEU A 80 -6.02 25.13 35.91
N SER A 81 -6.33 25.20 37.20
CA SER A 81 -7.71 25.21 37.76
C SER A 81 -8.53 26.43 37.26
N VAL A 82 -7.87 27.56 36.99
CA VAL A 82 -8.52 28.90 36.81
C VAL A 82 -7.63 29.70 35.86
N TYR A 83 -8.23 30.43 34.91
CA TYR A 83 -7.53 31.38 34.00
C TYR A 83 -8.12 32.79 34.21
N ALA A 84 -7.32 33.79 33.85
CA ALA A 84 -7.66 35.23 33.98
C ALA A 84 -8.49 35.67 32.78
N PRO A 85 -9.16 36.84 32.86
CA PRO A 85 -9.61 37.53 31.65
C PRO A 85 -8.38 37.71 30.74
N ALA A 86 -8.57 37.55 29.42
CA ALA A 86 -7.55 37.82 28.38
C ALA A 86 -6.49 36.70 28.32
N SER A 87 -6.50 35.71 29.21
CA SER A 87 -5.67 34.47 29.14
C SER A 87 -5.93 33.79 27.80
N SER A 88 -4.95 33.06 27.27
CA SER A 88 -5.28 32.06 26.23
C SER A 88 -4.43 30.80 26.39
N VAL A 89 -4.96 29.73 25.84
CA VAL A 89 -4.31 28.40 25.71
C VAL A 89 -4.35 28.03 24.24
N GLU A 90 -3.30 27.39 23.75
CA GLU A 90 -3.21 26.84 22.38
C GLU A 90 -3.42 25.33 22.53
N TYR A 91 -4.03 24.73 21.51
CA TYR A 91 -4.26 23.27 21.39
C TYR A 91 -3.36 22.76 20.26
N GLN A 92 -3.10 21.46 20.35
CA GLN A 92 -2.24 20.69 19.42
C GLN A 92 -2.90 19.32 19.24
N CYS A 93 -3.06 18.90 17.97
CA CYS A 93 -3.72 17.63 17.63
C CYS A 93 -2.65 16.53 17.75
N GLN A 94 -3.08 15.34 18.18
CA GLN A 94 -2.23 14.14 18.15
C GLN A 94 -1.62 14.00 16.76
N ASN A 95 -0.44 13.38 16.71
CA ASN A 95 0.29 13.05 15.48
C ASN A 95 -0.72 12.38 14.51
N LEU A 96 -0.78 12.87 13.25
CA LEU A 96 -1.58 12.31 12.11
C LEU A 96 -2.94 12.98 12.02
N TYR A 97 -3.37 13.64 13.08
CA TYR A 97 -4.62 14.45 13.07
C TYR A 97 -4.27 15.85 12.59
N GLN A 98 -5.23 16.52 11.95
CA GLN A 98 -5.04 17.85 11.30
C GLN A 98 -5.98 18.84 12.02
N LEU A 99 -5.39 19.91 12.54
CA LEU A 99 -6.12 20.92 13.32
C LEU A 99 -6.93 21.79 12.36
N GLU A 100 -8.25 21.84 12.58
CA GLU A 100 -9.17 22.74 11.85
C GLU A 100 -9.76 23.77 12.86
N GLY A 101 -9.68 25.04 12.50
CA GLY A 101 -10.21 26.12 13.36
C GLY A 101 -9.10 26.84 14.09
N ASN A 102 -9.44 27.46 15.23
CA ASN A 102 -8.58 28.41 15.99
C ASN A 102 -7.64 27.62 16.90
N LYS A 103 -6.33 27.69 16.65
CA LYS A 103 -5.33 27.01 17.52
C LYS A 103 -5.45 27.56 18.94
N ARG A 104 -5.62 28.88 19.06
CA ARG A 104 -5.66 29.61 20.34
C ARG A 104 -7.11 29.94 20.63
N ILE A 105 -7.55 29.70 21.86
CA ILE A 105 -8.80 30.24 22.42
C ILE A 105 -8.46 31.19 23.57
N THR A 106 -9.36 32.13 23.87
CA THR A 106 -9.13 33.22 24.83
C THR A 106 -10.27 33.22 25.83
N CYS A 107 -9.97 33.56 27.08
CA CYS A 107 -10.97 33.73 28.17
C CYS A 107 -11.44 35.19 28.19
N ARG A 108 -12.68 35.45 27.76
CA ARG A 108 -13.36 36.77 27.77
C ARG A 108 -14.72 36.63 28.47
N ASN A 109 -14.96 37.48 29.47
CA ASN A 109 -16.26 37.65 30.17
C ASN A 109 -16.66 36.31 30.82
N GLY A 110 -15.67 35.50 31.19
CA GLY A 110 -15.86 34.31 32.03
C GLY A 110 -16.15 33.07 31.21
N GLN A 111 -16.10 33.17 29.87
CA GLN A 111 -16.23 31.97 29.01
C GLN A 111 -15.21 32.02 27.86
N TRP A 112 -14.93 30.83 27.33
CA TRP A 112 -13.89 30.53 26.32
C TRP A 112 -14.41 30.77 24.89
N SER A 113 -13.55 31.29 24.01
CA SER A 113 -13.81 31.27 22.56
C SER A 113 -13.78 29.80 22.12
N GLU A 114 -14.35 29.55 20.95
CA GLU A 114 -14.78 28.21 20.51
C GLU A 114 -13.53 27.39 20.19
N PRO A 115 -13.37 26.15 20.69
CA PRO A 115 -12.16 25.40 20.43
C PRO A 115 -12.08 24.87 18.99
N PRO A 116 -10.92 24.33 18.62
CA PRO A 116 -10.78 23.63 17.37
C PRO A 116 -11.09 22.13 17.46
N LYS A 117 -10.95 21.49 16.31
CA LYS A 117 -11.32 20.09 15.95
C LYS A 117 -10.04 19.43 15.40
N CYS A 118 -9.80 18.19 15.79
CA CYS A 118 -8.67 17.40 15.23
C CYS A 118 -9.25 16.43 14.22
N LEU A 119 -8.95 16.67 12.94
CA LEU A 119 -9.53 15.87 11.84
C LEU A 119 -8.75 14.55 11.69
N HIS A 120 -9.50 13.43 11.66
CA HIS A 120 -9.06 12.02 11.67
C HIS A 120 -8.29 11.74 10.39
N PRO A 121 -7.22 10.94 10.44
CA PRO A 121 -6.69 10.32 9.24
C PRO A 121 -7.55 9.08 8.93
N CYS A 122 -7.53 8.66 7.66
CA CYS A 122 -8.15 7.40 7.19
C CYS A 122 -7.17 6.25 7.40
N VAL A 123 -7.57 5.20 8.10
CA VAL A 123 -6.69 4.01 8.24
C VAL A 123 -7.18 2.97 7.25
N ILE A 124 -6.35 2.54 6.31
CA ILE A 124 -6.75 1.52 5.30
C ILE A 124 -7.18 0.24 6.01
N SER A 125 -8.29 -0.34 5.57
CA SER A 125 -8.98 -1.54 6.10
C SER A 125 -8.78 -2.72 5.16
N ARG A 126 -8.04 -3.72 5.61
CA ARG A 126 -7.80 -4.94 4.80
C ARG A 126 -9.19 -5.58 4.59
N GLU A 127 -10.00 -5.70 5.65
CA GLU A 127 -11.39 -6.23 5.54
C GLU A 127 -12.12 -5.60 4.35
N ILE A 128 -12.21 -4.26 4.30
CA ILE A 128 -13.05 -3.61 3.26
C ILE A 128 -12.46 -3.87 1.88
N MET A 129 -11.15 -3.72 1.72
CA MET A 129 -10.48 -3.99 0.42
C MET A 129 -10.77 -5.42 -0.06
N GLU A 130 -10.67 -6.40 0.83
CA GLU A 130 -11.04 -7.81 0.57
C GLU A 130 -12.44 -7.84 -0.06
N ASN A 131 -13.43 -7.28 0.63
CA ASN A 131 -14.86 -7.32 0.22
C ASN A 131 -14.99 -6.74 -1.18
N TYR A 132 -14.19 -5.74 -1.55
CA TYR A 132 -14.37 -4.95 -2.80
C TYR A 132 -13.36 -5.35 -3.88
N ASN A 133 -12.54 -6.38 -3.64
CA ASN A 133 -11.61 -6.93 -4.65
C ASN A 133 -10.61 -5.87 -5.10
N ILE A 134 -10.05 -5.13 -4.14
CA ILE A 134 -9.04 -4.08 -4.42
C ILE A 134 -7.86 -4.22 -3.47
N ALA A 135 -6.79 -3.50 -3.77
CA ALA A 135 -5.65 -3.34 -2.86
C ALA A 135 -5.09 -1.93 -3.02
N LEU A 136 -4.20 -1.57 -2.11
CA LEU A 136 -3.43 -0.32 -2.22
C LEU A 136 -2.61 -0.45 -3.46
N ARG A 137 -2.60 0.58 -4.29
CA ARG A 137 -1.59 0.68 -5.35
C ARG A 137 -0.19 0.83 -4.73
N TRP A 138 0.78 0.23 -5.38
CA TRP A 138 2.20 0.27 -4.99
C TRP A 138 2.78 1.59 -5.50
N THR A 139 3.03 2.52 -4.57
CA THR A 139 3.67 3.84 -4.83
C THR A 139 4.83 4.01 -3.88
N ALA A 140 5.74 4.91 -4.24
CA ALA A 140 6.92 5.15 -3.39
C ALA A 140 6.47 5.58 -1.99
N LYS A 141 5.27 6.16 -1.81
CA LYS A 141 4.93 7.00 -0.62
C LYS A 141 3.77 6.42 0.20
N GLN A 142 2.83 5.68 -0.45
CA GLN A 142 1.53 5.27 0.16
C GLN A 142 1.76 4.27 1.30
N LYS A 143 1.42 4.67 2.53
CA LYS A 143 1.52 3.77 3.72
CA LYS A 143 1.50 3.84 3.76
C LYS A 143 0.12 3.24 4.05
N LEU A 144 -0.06 2.67 5.24
CA LEU A 144 -1.33 1.98 5.60
C LEU A 144 -2.37 2.95 6.16
N TYR A 145 -2.05 4.24 6.12
CA TYR A 145 -2.95 5.35 6.52
C TYR A 145 -2.71 6.49 5.52
N SER A 146 -3.60 7.47 5.59
CA SER A 146 -3.50 8.79 4.93
C SER A 146 -3.97 9.86 5.90
N ARG A 147 -3.34 11.04 5.84
CA ARG A 147 -3.83 12.26 6.54
C ARG A 147 -5.07 12.79 5.81
N THR A 148 -5.98 13.47 6.52
CA THR A 148 -7.18 14.07 5.89
C THR A 148 -6.73 14.91 4.68
N GLY A 149 -7.45 14.82 3.55
CA GLY A 149 -7.17 15.63 2.36
C GLY A 149 -6.22 14.92 1.39
N GLU A 150 -5.42 13.99 1.90
CA GLU A 150 -4.52 13.18 1.04
C GLU A 150 -5.36 12.15 0.29
N SER A 151 -4.94 11.85 -0.94
CA SER A 151 -5.65 10.91 -1.84
C SER A 151 -4.97 9.54 -1.79
N VAL A 152 -5.74 8.48 -1.57
CA VAL A 152 -5.28 7.08 -1.69
C VAL A 152 -5.57 6.53 -3.09
N GLU A 153 -4.58 5.89 -3.72
CA GLU A 153 -4.75 5.13 -5.01
C GLU A 153 -4.89 3.64 -4.71
N PHE A 154 -5.90 3.01 -5.32
CA PHE A 154 -6.12 1.54 -5.26
C PHE A 154 -5.93 0.93 -6.63
N VAL A 155 -5.78 -0.39 -6.64
CA VAL A 155 -5.76 -1.23 -7.87
C VAL A 155 -6.72 -2.37 -7.62
N CYS A 156 -7.21 -3.01 -8.69
CA CYS A 156 -8.05 -4.23 -8.56
C CYS A 156 -7.14 -5.40 -8.14
N LYS A 157 -7.71 -6.41 -7.48
CA LYS A 157 -7.12 -7.78 -7.41
C LYS A 157 -6.78 -8.24 -8.82
N ARG A 158 -5.75 -9.08 -8.94
CA ARG A 158 -5.53 -9.94 -10.13
C ARG A 158 -6.85 -10.56 -10.56
N GLY A 159 -7.22 -10.37 -11.81
CA GLY A 159 -8.43 -10.99 -12.39
C GLY A 159 -9.62 -10.04 -12.48
N TYR A 160 -9.56 -8.90 -11.76
CA TYR A 160 -10.72 -8.01 -11.56
C TYR A 160 -10.50 -6.71 -12.30
N ARG A 161 -11.57 -6.04 -12.69
CA ARG A 161 -11.53 -4.73 -13.38
C ARG A 161 -12.48 -3.80 -12.65
N LEU A 162 -12.29 -2.51 -12.82
CA LEU A 162 -13.09 -1.49 -12.11
C LEU A 162 -14.58 -1.76 -12.34
N SER A 163 -15.40 -1.81 -11.28
CA SER A 163 -16.88 -1.94 -11.42
C SER A 163 -17.40 -0.71 -12.17
N SER A 164 -18.25 -0.94 -13.18
CA SER A 164 -18.87 0.11 -14.03
C SER A 164 -20.09 0.71 -13.29
N ARG A 165 -19.98 0.88 -11.96
CA ARG A 165 -20.73 1.87 -11.11
C ARG A 165 -19.73 2.55 -10.13
N SER A 166 -18.44 2.30 -10.28
CA SER A 166 -17.46 2.64 -9.22
C SER A 166 -16.81 4.00 -9.48
N HIS A 167 -16.57 4.69 -8.33
CA HIS A 167 -15.53 5.70 -7.96
C HIS A 167 -14.19 5.41 -8.68
N THR A 168 -13.46 6.44 -9.15
CA THR A 168 -12.10 6.25 -9.70
C THR A 168 -11.33 5.40 -8.70
N LEU A 169 -10.21 4.86 -9.13
CA LEU A 169 -9.34 4.11 -8.21
C LEU A 169 -8.64 5.06 -7.24
N ARG A 170 -8.59 6.36 -7.55
CA ARG A 170 -7.98 7.40 -6.70
C ARG A 170 -9.11 8.15 -5.97
N THR A 171 -8.97 8.35 -4.67
CA THR A 171 -10.10 8.76 -3.80
C THR A 171 -9.52 9.57 -2.62
N THR A 172 -10.29 10.44 -1.99
CA THR A 172 -9.71 11.43 -1.05
C THR A 172 -10.04 11.11 0.40
N CYS A 173 -9.05 11.02 1.28
CA CYS A 173 -9.30 10.92 2.74
C CYS A 173 -9.99 12.21 3.21
N TRP A 174 -11.04 12.09 4.00
CA TRP A 174 -11.76 13.24 4.57
C TRP A 174 -12.19 12.92 6.01
N ASP A 175 -11.38 13.28 6.99
CA ASP A 175 -11.78 13.18 8.43
C ASP A 175 -12.19 11.74 8.72
N GLY A 176 -11.29 10.79 8.49
CA GLY A 176 -11.51 9.37 8.79
C GLY A 176 -12.25 8.65 7.69
N LYS A 177 -12.84 9.36 6.73
CA LYS A 177 -13.81 8.75 5.80
C LYS A 177 -13.19 8.71 4.40
N LEU A 178 -13.23 7.53 3.79
CA LEU A 178 -12.61 7.18 2.48
C LEU A 178 -13.61 6.41 1.65
N GLU A 179 -13.98 6.86 0.46
CA GLU A 179 -14.86 6.06 -0.47
C GLU A 179 -14.00 4.99 -1.14
N TYR A 180 -14.23 3.71 -0.85
CA TYR A 180 -13.46 2.60 -1.46
C TYR A 180 -14.08 2.27 -2.82
N PRO A 181 -13.27 2.10 -3.89
CA PRO A 181 -13.79 1.64 -5.18
C PRO A 181 -14.08 0.14 -5.13
N THR A 182 -14.79 -0.36 -6.14
CA THR A 182 -15.11 -1.80 -6.27
C THR A 182 -14.59 -2.27 -7.63
N CYS A 183 -14.10 -3.51 -7.67
CA CYS A 183 -13.70 -4.23 -8.91
C CYS A 183 -14.54 -5.50 -8.99
N ALA A 184 -14.83 -5.98 -10.17
CA ALA A 184 -15.58 -7.23 -10.35
C ALA A 184 -14.80 -8.14 -11.31
N LYS A 185 -15.06 -9.44 -11.28
CA LYS A 185 -14.30 -10.48 -12.03
C LYS A 185 -14.46 -10.15 -13.52
N ARG A 186 -13.45 -10.39 -14.38
CA ARG A 186 -13.60 -10.50 -15.87
C ARG A 186 -14.28 -11.81 -16.31
N VAL B 2 -1.36 -2.95 -22.20
CA VAL B 2 -0.28 -3.66 -21.39
C VAL B 2 -0.63 -5.15 -21.21
N GLN B 3 0.31 -6.02 -21.52
CA GLN B 3 0.08 -7.48 -21.52
C GLN B 3 1.36 -8.11 -20.97
N LEU B 4 1.23 -9.18 -20.21
CA LEU B 4 2.38 -9.91 -19.59
C LEU B 4 2.22 -11.40 -19.88
N VAL B 5 3.15 -11.99 -20.63
CA VAL B 5 3.11 -13.45 -20.95
C VAL B 5 4.19 -14.18 -20.16
N GLU B 6 3.80 -14.99 -19.18
CA GLU B 6 4.68 -16.06 -18.63
C GLU B 6 4.98 -17.19 -19.64
N SER B 7 6.14 -17.84 -19.49
CA SER B 7 6.56 -19.10 -20.16
C SER B 7 7.70 -19.69 -19.32
N GLY B 8 8.07 -20.95 -19.52
CA GLY B 8 9.29 -21.54 -18.91
C GLY B 8 8.98 -22.39 -17.69
N GLY B 9 7.72 -22.47 -17.28
CA GLY B 9 7.30 -23.36 -16.19
C GLY B 9 7.18 -24.81 -16.65
N GLY B 10 6.68 -25.67 -15.77
CA GLY B 10 6.45 -27.09 -16.06
C GLY B 10 6.83 -27.97 -14.89
N LEU B 11 7.03 -29.25 -15.16
CA LEU B 11 7.45 -30.26 -14.16
C LEU B 11 8.98 -30.31 -14.13
N VAL B 12 9.58 -30.50 -12.96
CA VAL B 12 11.01 -30.90 -12.83
C VAL B 12 11.13 -31.76 -11.60
N GLN B 13 12.25 -32.48 -11.56
CA GLN B 13 12.68 -33.30 -10.40
C GLN B 13 13.23 -32.30 -9.34
N ALA B 14 13.03 -32.59 -8.04
CA ALA B 14 13.62 -31.84 -6.90
C ALA B 14 15.12 -31.71 -7.13
N GLY B 15 15.71 -30.54 -6.89
CA GLY B 15 17.14 -30.26 -7.21
C GLY B 15 17.34 -29.90 -8.69
N GLY B 16 16.22 -29.94 -9.45
CA GLY B 16 16.15 -29.39 -10.84
C GLY B 16 16.14 -27.86 -10.89
N SER B 17 16.25 -27.36 -12.12
CA SER B 17 16.16 -25.91 -12.37
C SER B 17 15.16 -25.64 -13.51
N LEU B 18 14.80 -24.36 -13.64
CA LEU B 18 13.71 -23.86 -14.49
C LEU B 18 13.95 -22.37 -14.63
N ARG B 19 13.72 -21.83 -15.82
CA ARG B 19 13.90 -20.38 -16.01
C ARG B 19 12.56 -19.80 -16.45
N LEU B 20 11.92 -19.05 -15.56
CA LEU B 20 10.65 -18.40 -15.91
C LEU B 20 11.00 -17.15 -16.70
N SER B 21 10.19 -16.90 -17.71
CA SER B 21 10.29 -15.74 -18.62
C SER B 21 9.01 -14.91 -18.53
N CYS B 22 9.13 -13.58 -18.57
CA CYS B 22 7.96 -12.67 -18.60
C CYS B 22 8.12 -11.59 -19.66
N ALA B 23 7.23 -11.54 -20.63
CA ALA B 23 7.34 -10.68 -21.83
C ALA B 23 6.32 -9.56 -21.69
N ALA B 24 6.77 -8.34 -21.40
CA ALA B 24 5.90 -7.16 -21.22
C ALA B 24 5.82 -6.39 -22.53
N SER B 25 4.68 -6.45 -23.18
CA SER B 25 4.35 -5.57 -24.33
C SER B 25 3.43 -4.48 -23.79
N GLY B 26 3.39 -3.33 -24.46
CA GLY B 26 2.42 -2.27 -24.21
C GLY B 26 2.88 -1.26 -23.16
N LEU B 27 3.98 -1.48 -22.45
CA LEU B 27 4.43 -0.50 -21.42
C LEU B 27 4.72 0.87 -22.07
N THR B 28 4.35 1.98 -21.43
CA THR B 28 4.59 3.40 -21.88
C THR B 28 5.85 3.96 -21.24
N VAL B 29 5.99 3.69 -19.95
CA VAL B 29 6.99 4.21 -18.99
C VAL B 29 8.24 3.35 -19.15
N ASP B 30 9.43 3.85 -18.82
CA ASP B 30 10.63 2.97 -18.80
C ASP B 30 11.26 2.99 -17.39
N ASP B 31 10.61 3.64 -16.42
CA ASP B 31 10.78 3.43 -14.94
C ASP B 31 9.62 2.58 -14.37
N TYR B 32 9.83 1.30 -14.15
CA TYR B 32 8.78 0.35 -13.68
C TYR B 32 9.42 -0.80 -12.88
N ALA B 33 8.63 -1.57 -12.15
CA ALA B 33 9.05 -2.76 -11.41
C ALA B 33 8.31 -3.97 -11.97
N ILE B 34 9.04 -5.08 -12.07
CA ILE B 34 8.51 -6.39 -12.54
C ILE B 34 8.68 -7.35 -11.38
N GLY B 35 7.63 -8.06 -11.05
CA GLY B 35 7.59 -8.97 -9.91
C GLY B 35 7.20 -10.36 -10.36
N TRP B 36 7.63 -11.33 -9.57
CA TRP B 36 7.11 -12.70 -9.64
C TRP B 36 6.45 -12.99 -8.30
N PHE B 37 5.21 -13.43 -8.36
CA PHE B 37 4.46 -13.89 -7.18
C PHE B 37 4.15 -15.36 -7.43
N ARG B 38 3.82 -16.08 -6.37
CA ARG B 38 3.37 -17.47 -6.53
C ARG B 38 2.25 -17.75 -5.56
N GLN B 39 1.43 -18.73 -5.92
CA GLN B 39 0.37 -19.13 -5.00
C GLN B 39 0.00 -20.56 -5.29
N ALA B 40 -0.08 -21.34 -4.22
CA ALA B 40 -0.54 -22.74 -4.19
C ALA B 40 -1.98 -22.70 -3.70
N PRO B 41 -2.82 -23.63 -4.21
CA PRO B 41 -4.25 -23.56 -3.89
C PRO B 41 -4.38 -23.57 -2.36
N GLY B 42 -5.06 -22.56 -1.83
CA GLY B 42 -5.48 -22.47 -0.42
C GLY B 42 -4.55 -21.62 0.41
N LYS B 43 -3.33 -21.34 -0.06
CA LYS B 43 -2.34 -20.53 0.73
C LYS B 43 -2.42 -19.09 0.27
N GLU B 44 -1.83 -18.16 1.03
CA GLU B 44 -1.85 -16.74 0.61
C GLU B 44 -0.74 -16.62 -0.42
N ARG B 45 -0.97 -15.71 -1.36
CA ARG B 45 -0.03 -15.29 -2.41
C ARG B 45 1.28 -14.90 -1.75
N GLU B 46 2.40 -15.20 -2.38
CA GLU B 46 3.74 -14.89 -1.81
C GLU B 46 4.49 -14.17 -2.92
N GLY B 47 5.06 -13.04 -2.58
CA GLY B 47 5.96 -12.30 -3.47
C GLY B 47 7.31 -12.97 -3.45
N VAL B 48 7.83 -13.30 -4.61
CA VAL B 48 8.99 -14.20 -4.74
C VAL B 48 10.23 -13.36 -5.07
N SER B 49 10.14 -12.51 -6.09
CA SER B 49 11.29 -11.70 -6.56
C SER B 49 10.75 -10.46 -7.25
N CYS B 50 11.61 -9.48 -7.45
CA CYS B 50 11.29 -8.11 -7.88
C CYS B 50 12.55 -7.51 -8.48
N ILE B 51 12.41 -6.71 -9.54
CA ILE B 51 13.53 -5.97 -10.15
C ILE B 51 13.00 -4.64 -10.66
N SER B 52 13.63 -3.53 -10.30
CA SER B 52 13.33 -2.17 -10.82
C SER B 52 14.15 -1.93 -12.07
N SER B 53 13.54 -1.39 -13.10
CA SER B 53 14.23 -1.07 -14.37
C SER B 53 15.08 0.17 -14.15
N SER B 54 14.79 1.00 -13.14
CA SER B 54 15.45 2.32 -13.01
C SER B 54 16.61 2.20 -12.03
N ASN B 55 16.29 2.03 -10.74
CA ASN B 55 17.26 2.03 -9.62
C ASN B 55 17.96 0.66 -9.45
N GLY B 56 17.67 -0.35 -10.28
CA GLY B 56 18.26 -1.71 -10.18
C GLY B 56 18.10 -2.43 -8.83
N SER B 57 17.27 -1.95 -7.90
CA SER B 57 16.87 -2.70 -6.68
C SER B 57 16.23 -4.04 -7.06
N THR B 58 16.50 -5.06 -6.26
CA THR B 58 15.96 -6.41 -6.39
C THR B 58 15.45 -6.88 -5.04
N TYR B 59 14.66 -7.94 -5.03
CA TYR B 59 14.23 -8.58 -3.77
C TYR B 59 13.98 -10.06 -4.04
N TYR B 60 14.20 -10.84 -2.99
CA TYR B 60 13.90 -12.30 -2.93
C TYR B 60 13.28 -12.59 -1.56
N ALA B 61 12.16 -13.31 -1.55
CA ALA B 61 11.58 -13.90 -0.32
C ALA B 61 12.63 -14.73 0.39
N ASP B 62 12.62 -14.79 1.70
CA ASP B 62 13.62 -15.58 2.45
C ASP B 62 13.57 -17.03 1.95
N SER B 63 12.39 -17.56 1.59
CA SER B 63 12.20 -18.99 1.23
C SER B 63 12.97 -19.33 -0.06
N VAL B 64 13.32 -18.35 -0.90
CA VAL B 64 14.04 -18.57 -2.20
C VAL B 64 15.39 -17.82 -2.31
N LYS B 65 15.79 -16.96 -1.37
CA LYS B 65 17.14 -16.32 -1.41
C LYS B 65 18.21 -17.37 -1.75
N GLY B 66 19.21 -17.01 -2.57
CA GLY B 66 20.36 -17.88 -2.90
C GLY B 66 20.06 -18.80 -4.07
N ARG B 67 18.84 -19.32 -4.11
CA ARG B 67 18.43 -20.33 -5.11
C ARG B 67 17.96 -19.63 -6.41
N PHE B 68 17.31 -18.47 -6.31
CA PHE B 68 16.66 -17.79 -7.45
C PHE B 68 17.48 -16.54 -7.77
N THR B 69 17.55 -16.21 -9.05
CA THR B 69 18.21 -14.97 -9.52
C THR B 69 17.33 -14.28 -10.56
N ILE B 70 17.21 -12.98 -10.47
CA ILE B 70 16.27 -12.21 -11.31
C ILE B 70 17.08 -11.29 -12.21
N SER B 71 16.66 -11.16 -13.45
CA SER B 71 17.38 -10.34 -14.46
C SER B 71 16.31 -9.83 -15.43
N SER B 72 16.55 -8.71 -16.12
CA SER B 72 15.74 -8.28 -17.29
C SER B 72 16.62 -7.95 -18.51
N ASP B 73 16.31 -8.60 -19.64
CA ASP B 73 16.75 -8.20 -21.02
C ASP B 73 15.77 -7.16 -21.59
N ASN B 74 16.11 -5.87 -21.58
CA ASN B 74 15.12 -4.79 -21.85
C ASN B 74 14.90 -4.72 -23.38
N ALA B 75 15.87 -5.14 -24.19
CA ALA B 75 15.74 -5.18 -25.67
C ALA B 75 14.50 -6.00 -26.03
N LYS B 76 14.42 -7.26 -25.59
CA LYS B 76 13.22 -8.12 -25.78
C LYS B 76 12.14 -7.77 -24.73
N ASN B 77 12.21 -6.64 -24.01
CA ASN B 77 11.15 -6.16 -23.08
C ASN B 77 10.75 -7.21 -22.01
N THR B 78 11.68 -8.04 -21.55
CA THR B 78 11.40 -9.30 -20.81
C THR B 78 12.18 -9.31 -19.48
N ALA B 79 11.63 -10.01 -18.49
CA ALA B 79 12.32 -10.35 -17.24
C ALA B 79 12.35 -11.87 -17.07
N TYR B 80 13.40 -12.34 -16.42
CA TYR B 80 13.68 -13.77 -16.20
C TYR B 80 13.84 -13.97 -14.69
N LEU B 81 13.25 -15.05 -14.18
CA LEU B 81 13.56 -15.65 -12.86
C LEU B 81 14.26 -17.00 -13.05
N GLN B 82 15.57 -17.07 -12.78
CA GLN B 82 16.36 -18.33 -12.86
C GLN B 82 16.11 -19.05 -11.55
N MET B 83 15.44 -20.21 -11.60
CA MET B 83 15.10 -20.97 -10.37
C MET B 83 15.93 -22.27 -10.34
N ASN B 84 16.85 -22.31 -9.38
CA ASN B 84 17.81 -23.42 -9.15
C ASN B 84 17.43 -24.15 -7.86
N SER B 85 17.91 -25.39 -7.69
CA SER B 85 17.78 -26.22 -6.46
C SER B 85 16.32 -26.23 -6.02
N LEU B 86 15.42 -26.50 -6.96
CA LEU B 86 13.97 -26.41 -6.74
C LEU B 86 13.54 -27.51 -5.76
N LYS B 87 12.57 -27.20 -4.90
CA LYS B 87 12.02 -28.15 -3.91
C LYS B 87 10.53 -28.37 -4.16
N PRO B 88 9.95 -29.47 -3.63
CA PRO B 88 8.50 -29.67 -3.67
C PRO B 88 7.67 -28.46 -3.20
N GLU B 89 8.14 -27.70 -2.21
CA GLU B 89 7.45 -26.50 -1.62
C GLU B 89 7.51 -25.29 -2.58
N ASP B 90 8.20 -25.38 -3.71
CA ASP B 90 8.20 -24.31 -4.73
C ASP B 90 7.03 -24.56 -5.68
N THR B 91 6.38 -25.70 -5.55
CA THR B 91 5.22 -26.07 -6.40
C THR B 91 4.14 -25.01 -6.23
N ALA B 92 3.65 -24.41 -7.31
CA ALA B 92 2.71 -23.27 -7.24
C ALA B 92 2.47 -22.67 -8.62
N VAL B 93 1.45 -21.83 -8.71
CA VAL B 93 1.27 -20.97 -9.91
C VAL B 93 2.11 -19.74 -9.70
N TYR B 94 2.86 -19.39 -10.74
CA TYR B 94 3.86 -18.30 -10.69
C TYR B 94 3.29 -17.24 -11.63
N TYR B 95 3.01 -16.06 -11.09
CA TYR B 95 2.49 -14.88 -11.80
C TYR B 95 3.59 -13.82 -11.96
N CYS B 96 3.72 -13.33 -13.17
CA CYS B 96 4.49 -12.14 -13.55
C CYS B 96 3.59 -10.92 -13.29
N ALA B 97 4.15 -9.80 -12.84
CA ALA B 97 3.34 -8.61 -12.55
C ALA B 97 4.21 -7.38 -12.68
N ALA B 98 3.60 -6.26 -13.06
CA ALA B 98 4.31 -4.99 -13.22
C ALA B 98 3.59 -3.90 -12.46
N ALA B 99 4.37 -2.94 -12.04
CA ALA B 99 3.95 -1.74 -11.30
C ALA B 99 4.73 -0.57 -11.89
N VAL B 100 4.04 0.51 -12.23
CA VAL B 100 4.43 1.55 -13.20
C VAL B 100 4.62 2.90 -12.51
N SER B 101 4.17 3.05 -11.24
CA SER B 101 4.49 4.23 -10.39
C SER B 101 6.00 4.38 -10.33
N PRO B 102 6.48 5.63 -10.37
CA PRO B 102 7.92 5.88 -10.43
C PRO B 102 8.61 5.58 -9.08
N ASN B 103 9.91 5.29 -9.19
CA ASN B 103 10.89 5.09 -8.09
C ASN B 103 10.44 3.98 -7.13
N LEU B 104 9.92 2.88 -7.64
CA LEU B 104 9.55 1.78 -6.72
C LEU B 104 10.84 1.08 -6.29
N GLU B 105 10.90 0.85 -4.97
CA GLU B 105 11.99 0.19 -4.19
C GLU B 105 11.59 -1.26 -3.96
N CYS B 106 12.25 -2.20 -4.63
CA CYS B 106 11.96 -3.66 -4.55
C CYS B 106 12.09 -4.06 -3.07
N GLY B 107 11.16 -4.85 -2.55
CA GLY B 107 11.10 -5.22 -1.13
C GLY B 107 10.12 -4.37 -0.34
N THR B 108 9.57 -3.32 -0.92
CA THR B 108 8.50 -2.55 -0.26
C THR B 108 7.15 -3.06 -0.76
N GLY B 109 6.09 -2.42 -0.33
CA GLY B 109 4.75 -2.63 -0.86
C GLY B 109 4.36 -4.08 -0.79
N PRO B 110 4.05 -4.68 -1.95
CA PRO B 110 3.64 -6.10 -2.03
C PRO B 110 4.76 -7.13 -1.86
N PHE B 111 5.98 -6.66 -1.59
CA PHE B 111 7.14 -7.51 -1.20
C PHE B 111 7.46 -7.39 0.29
N GLY B 112 6.88 -6.41 1.00
CA GLY B 112 7.12 -6.22 2.43
C GLY B 112 6.17 -7.04 3.30
N ILE B 113 6.29 -6.90 4.60
CA ILE B 113 5.51 -7.57 5.67
C ILE B 113 4.04 -7.19 5.52
N TYR B 114 3.71 -6.11 4.82
CA TYR B 114 2.29 -5.67 4.74
C TYR B 114 1.72 -6.00 3.37
N ALA B 115 2.35 -6.95 2.70
CA ALA B 115 2.09 -7.32 1.30
C ALA B 115 0.58 -7.50 1.05
N SER B 116 -0.13 -8.09 2.00
CA SER B 116 -1.59 -8.37 1.92
C SER B 116 -2.34 -7.08 1.54
N TYR B 117 -1.78 -5.91 1.85
CA TYR B 117 -2.43 -4.58 1.72
C TYR B 117 -2.20 -4.01 0.32
N TYR B 118 -1.24 -4.55 -0.41
CA TYR B 118 -0.78 -3.99 -1.71
C TYR B 118 -1.09 -4.94 -2.87
N GLY B 119 -1.26 -4.35 -4.06
CA GLY B 119 -1.51 -5.04 -5.34
C GLY B 119 -0.56 -4.55 -6.41
N MET B 120 -0.75 -5.00 -7.64
CA MET B 120 0.12 -4.58 -8.76
C MET B 120 -0.75 -3.97 -9.87
N ASP B 121 -0.09 -3.22 -10.76
CA ASP B 121 -0.80 -2.49 -11.82
C ASP B 121 -1.28 -3.51 -12.85
N TYR B 122 -0.47 -4.53 -13.15
CA TYR B 122 -0.81 -5.54 -14.19
C TYR B 122 -0.28 -6.94 -13.85
N TRP B 123 -0.99 -7.96 -14.33
CA TRP B 123 -0.75 -9.39 -13.99
C TRP B 123 -0.72 -10.29 -15.24
N GLY B 124 0.16 -11.31 -15.25
CA GLY B 124 0.07 -12.45 -16.16
C GLY B 124 -1.04 -13.41 -15.76
N GLN B 125 -1.39 -14.32 -16.66
CA GLN B 125 -2.40 -15.39 -16.40
C GLN B 125 -1.85 -16.41 -15.39
N GLY B 126 -0.53 -16.53 -15.29
CA GLY B 126 0.14 -17.45 -14.37
C GLY B 126 0.67 -18.67 -15.11
N THR B 127 1.76 -19.29 -14.67
CA THR B 127 2.26 -20.57 -15.24
C THR B 127 2.54 -21.55 -14.09
N GLN B 128 2.06 -22.79 -14.24
CA GLN B 128 2.19 -23.84 -13.19
C GLN B 128 3.65 -24.30 -13.16
N VAL B 129 4.21 -24.35 -11.97
CA VAL B 129 5.52 -24.98 -11.68
C VAL B 129 5.27 -26.14 -10.70
N THR B 130 5.74 -27.33 -11.08
CA THR B 130 5.59 -28.57 -10.27
C THR B 130 6.99 -29.19 -10.04
N VAL B 131 7.37 -29.34 -8.77
CA VAL B 131 8.59 -30.05 -8.30
C VAL B 131 8.18 -31.34 -7.57
N SER B 132 8.41 -32.50 -8.21
CA SER B 132 8.12 -33.85 -7.64
C SER B 132 9.30 -34.32 -6.77
N SER B 133 9.02 -35.08 -5.70
CA SER B 133 9.92 -35.37 -4.53
C SER B 133 11.17 -36.16 -4.94
#